data_3QBR
#
_entry.id   3QBR
#
_cell.length_a   148.625
_cell.length_b   148.625
_cell.length_c   148.625
_cell.angle_alpha   90.00
_cell.angle_beta   90.00
_cell.angle_gamma   90.00
#
_symmetry.space_group_name_H-M   'I 2 3'
#
loop_
_entity.id
_entity.type
_entity.pdbx_description
1 polymer 'SJCHGC06286 protein'
2 polymer 'Bcl-2 homologous antagonist/killer'
3 non-polymer '2-[N-CYCLOHEXYLAMINO]ETHANE SULFONIC ACID'
4 water water
#
loop_
_entity_poly.entity_id
_entity_poly.type
_entity_poly.pdbx_seq_one_letter_code
_entity_poly.pdbx_strand_id
1 'polypeptide(L)'
;HHHHHHSQDPMSNTADFRLQTSTLCHSFLLASANKQDTDYLTDLLDNTNIDLTCVPNGQEIIHSLLQLVGDFNQRFSQTH
EIEPVAQSLGIDSDKPVDKTALEIFYLEILNGLFEKLNWGRIVAMFAFLRILVLRLSKHGHSDAIQMLIKTTSQYSDEKL
KNWINLHDGWSGLIEFSGR
;
A,X
2 'polypeptide(L)' LPLQPSSTMGQVGRQLAIIGDDINRRYDSEFQTM B,Y
#
loop_
_chem_comp.id
_chem_comp.type
_chem_comp.name
_chem_comp.formula
NHE non-polymer '2-[N-CYCLOHEXYLAMINO]ETHANE SULFONIC ACID' 'C8 H17 N O3 S'
#
# COMPACT_ATOMS: atom_id res chain seq x y z
N ASP A 16 -0.45 5.00 -1.13
CA ASP A 16 -1.22 6.18 -0.79
C ASP A 16 -2.48 5.80 -0.02
N PHE A 17 -2.74 6.49 1.09
CA PHE A 17 -3.76 6.04 2.03
C PHE A 17 -5.18 6.25 1.47
N ARG A 18 -5.43 7.40 0.87
CA ARG A 18 -6.74 7.64 0.32
C ARG A 18 -7.11 6.62 -0.74
N LEU A 19 -6.12 6.14 -1.48
CA LEU A 19 -6.39 5.23 -2.60
C LEU A 19 -6.59 3.82 -2.07
N GLN A 20 -5.75 3.46 -1.11
CA GLN A 20 -5.92 2.24 -0.37
C GLN A 20 -7.33 2.18 0.25
N THR A 21 -7.73 3.23 0.98
CA THR A 21 -8.99 3.13 1.71
C THR A 21 -10.19 3.04 0.76
N SER A 22 -10.09 3.76 -0.33
CA SER A 22 -11.08 3.65 -1.41
C SER A 22 -11.26 2.19 -1.89
N THR A 23 -10.14 1.53 -2.21
CA THR A 23 -10.17 0.15 -2.69
C THR A 23 -10.83 -0.79 -1.69
N LEU A 24 -10.65 -0.51 -0.40
CA LEU A 24 -11.25 -1.35 0.64
C LEU A 24 -12.77 -1.22 0.64
N CYS A 25 -13.25 0.00 0.43
CA CYS A 25 -14.68 0.22 0.38
C CYS A 25 -15.33 -0.54 -0.73
N HIS A 26 -14.82 -0.34 -1.97
CA HIS A 26 -15.27 -1.15 -3.11
C HIS A 26 -15.30 -2.68 -2.82
N SER A 27 -14.16 -3.26 -2.45
CA SER A 27 -14.14 -4.69 -2.19
C SER A 27 -15.15 -5.06 -1.14
N PHE A 28 -15.14 -4.35 -0.03
CA PHE A 28 -16.02 -4.67 1.08
C PHE A 28 -17.48 -4.65 0.63
N LEU A 29 -17.87 -3.61 -0.08
CA LEU A 29 -19.21 -3.61 -0.68
C LEU A 29 -19.46 -4.77 -1.68
N LEU A 30 -18.48 -5.13 -2.49
CA LEU A 30 -18.70 -6.25 -3.40
C LEU A 30 -18.84 -7.59 -2.68
N ALA A 31 -18.25 -7.69 -1.49
CA ALA A 31 -18.25 -8.96 -0.76
C ALA A 31 -19.36 -9.07 0.28
N SER A 32 -20.20 -8.06 0.37
CA SER A 32 -21.22 -8.08 1.41
C SER A 32 -22.64 -7.84 0.85
N ALA A 33 -22.79 -7.90 -0.47
CA ALA A 33 -24.08 -7.63 -1.11
C ALA A 33 -24.69 -8.95 -1.57
N ASN A 34 -26.00 -8.97 -1.79
CA ASN A 34 -26.57 -10.15 -2.41
C ASN A 34 -26.18 -10.27 -3.88
N LYS A 35 -26.59 -11.37 -4.50
CA LYS A 35 -26.34 -11.65 -5.90
C LYS A 35 -26.69 -10.48 -6.81
N GLN A 36 -27.92 -10.03 -6.75
CA GLN A 36 -28.37 -8.92 -7.61
C GLN A 36 -27.55 -7.62 -7.43
N ASP A 37 -27.33 -7.24 -6.18
CA ASP A 37 -26.59 -6.02 -5.87
C ASP A 37 -25.11 -6.17 -6.15
N THR A 38 -24.58 -7.36 -5.94
CA THR A 38 -23.19 -7.61 -6.26
C THR A 38 -22.92 -7.30 -7.74
N ASP A 39 -23.76 -7.87 -8.59
CA ASP A 39 -23.68 -7.64 -10.03
C ASP A 39 -23.90 -6.19 -10.42
N TYR A 40 -24.93 -5.55 -9.88
CA TYR A 40 -25.15 -4.15 -10.21
C TYR A 40 -23.94 -3.32 -9.79
N LEU A 41 -23.41 -3.58 -8.60
CA LEU A 41 -22.27 -2.80 -8.13
C LEU A 41 -20.99 -3.11 -8.90
N THR A 42 -20.83 -4.37 -9.26
CA THR A 42 -19.62 -4.78 -9.91
C THR A 42 -19.52 -4.11 -11.26
N ASP A 43 -20.65 -4.03 -11.95
CA ASP A 43 -20.66 -3.39 -13.28
C ASP A 43 -20.50 -1.88 -13.17
N LEU A 44 -21.14 -1.27 -12.17
CA LEU A 44 -21.00 0.15 -11.97
C LEU A 44 -19.55 0.50 -11.78
N LEU A 45 -18.86 -0.29 -10.98
CA LEU A 45 -17.44 -0.03 -10.76
C LEU A 45 -16.62 -0.19 -12.05
N ASP A 46 -16.90 -1.27 -12.80
CA ASP A 46 -16.24 -1.52 -14.09
C ASP A 46 -16.38 -0.32 -15.02
N ASN A 47 -17.62 0.15 -15.19
CA ASN A 47 -17.89 1.31 -16.04
C ASN A 47 -17.36 2.61 -15.46
N THR A 48 -17.26 2.66 -14.14
CA THR A 48 -16.80 3.86 -13.44
C THR A 48 -15.36 4.14 -13.82
N ASN A 49 -14.67 3.10 -14.28
CA ASN A 49 -13.27 3.17 -14.70
C ASN A 49 -12.39 4.00 -13.78
N ILE A 50 -12.32 3.57 -12.52
CA ILE A 50 -11.52 4.28 -11.55
C ILE A 50 -10.38 3.42 -11.05
N ASP A 51 -9.44 4.08 -10.39
CA ASP A 51 -8.18 3.48 -9.98
C ASP A 51 -8.32 2.61 -8.72
N LEU A 52 -7.57 1.51 -8.71
CA LEU A 52 -7.47 0.64 -7.55
C LEU A 52 -6.02 0.16 -7.38
N THR A 53 -5.53 0.20 -6.15
CA THR A 53 -4.28 -0.47 -5.85
C THR A 53 -4.55 -1.81 -5.23
N CYS A 54 -3.50 -2.42 -4.73
CA CYS A 54 -3.58 -3.66 -4.02
C CYS A 54 -3.36 -3.31 -2.56
N VAL A 55 -4.29 -3.75 -1.71
CA VAL A 55 -4.20 -3.49 -0.27
C VAL A 55 -3.49 -4.63 0.43
N PRO A 56 -2.50 -4.31 1.27
CA PRO A 56 -1.78 -5.39 1.96
C PRO A 56 -2.66 -6.07 3.01
N ASN A 57 -2.77 -7.39 2.93
CA ASN A 57 -3.63 -8.13 3.85
C ASN A 57 -5.08 -7.93 3.52
N GLY A 58 -5.33 -7.28 2.39
CA GLY A 58 -6.67 -6.98 1.92
C GLY A 58 -7.71 -8.04 2.25
N GLN A 59 -7.38 -9.31 2.00
CA GLN A 59 -8.38 -10.35 2.20
C GLN A 59 -8.68 -10.54 3.67
N GLU A 60 -7.63 -10.63 4.48
CA GLU A 60 -7.76 -10.67 5.93
C GLU A 60 -8.59 -9.49 6.48
N ILE A 61 -8.34 -8.30 5.96
CA ILE A 61 -9.03 -7.11 6.42
C ILE A 61 -10.52 -7.15 6.09
N ILE A 62 -10.86 -7.59 4.87
CA ILE A 62 -12.24 -7.70 4.41
C ILE A 62 -12.99 -8.77 5.22
N HIS A 63 -12.35 -9.91 5.47
CA HIS A 63 -12.93 -10.93 6.34
C HIS A 63 -13.29 -10.39 7.73
N SER A 64 -12.33 -9.71 8.36
CA SER A 64 -12.57 -9.07 9.65
C SER A 64 -13.77 -8.17 9.55
N LEU A 65 -13.82 -7.35 8.51
CA LEU A 65 -14.91 -6.38 8.40
C LEU A 65 -16.27 -7.05 8.26
N LEU A 66 -16.29 -8.21 7.60
CA LEU A 66 -17.55 -8.93 7.40
C LEU A 66 -17.99 -9.44 8.76
N GLN A 67 -17.05 -10.01 9.50
CA GLN A 67 -17.41 -10.45 10.83
C GLN A 67 -17.93 -9.29 11.69
N LEU A 68 -17.21 -8.17 11.67
CA LEU A 68 -17.49 -7.02 12.53
C LEU A 68 -18.70 -6.19 12.10
N VAL A 69 -18.94 -6.08 10.80
CA VAL A 69 -20.15 -5.43 10.30
C VAL A 69 -21.33 -6.38 10.57
N GLY A 70 -21.02 -7.67 10.69
CA GLY A 70 -22.02 -8.63 11.08
C GLY A 70 -22.46 -8.36 12.51
N ASP A 71 -21.46 -8.17 13.39
CA ASP A 71 -21.72 -7.81 14.78
C ASP A 71 -22.60 -6.58 14.78
N PHE A 72 -22.23 -5.60 13.96
CA PHE A 72 -22.97 -4.34 13.91
C PHE A 72 -24.41 -4.53 13.45
N ASN A 73 -24.62 -5.30 12.38
CA ASN A 73 -25.95 -5.41 11.80
C ASN A 73 -26.90 -6.05 12.79
N GLN A 74 -26.46 -7.18 13.30
CA GLN A 74 -27.22 -7.95 14.27
C GLN A 74 -27.71 -7.08 15.47
N ARG A 75 -26.89 -6.14 15.93
CA ARG A 75 -27.30 -5.19 16.98
C ARG A 75 -28.23 -4.06 16.52
N PHE A 76 -28.06 -3.60 15.29
CA PHE A 76 -28.73 -2.40 14.82
C PHE A 76 -30.17 -2.70 14.38
N SER A 77 -30.42 -3.94 13.99
CA SER A 77 -31.78 -4.37 13.74
C SER A 77 -32.53 -4.54 15.07
N GLN A 78 -31.79 -4.69 16.17
CA GLN A 78 -32.40 -4.75 17.49
C GLN A 78 -32.93 -3.40 17.98
N THR A 79 -32.17 -2.33 17.73
CA THR A 79 -32.39 -1.08 18.43
C THR A 79 -32.58 0.13 17.52
N HIS A 80 -32.80 -0.11 16.23
CA HIS A 80 -33.00 0.97 15.28
C HIS A 80 -33.63 0.44 14.02
N GLU A 81 -34.27 1.33 13.28
CA GLU A 81 -34.80 1.00 11.98
C GLU A 81 -34.14 1.90 10.94
N ILE A 82 -34.35 1.57 9.67
CA ILE A 82 -33.70 2.29 8.59
C ILE A 82 -34.61 3.39 8.06
N GLU A 83 -35.80 2.97 7.63
CA GLU A 83 -36.69 3.78 6.80
C GLU A 83 -36.72 5.29 7.03
N PRO A 84 -36.68 5.69 8.31
CA PRO A 84 -36.67 7.11 8.69
C PRO A 84 -35.57 7.88 7.98
N VAL A 85 -34.35 7.45 8.21
CA VAL A 85 -33.16 8.19 7.77
C VAL A 85 -32.96 8.23 6.25
N ALA A 86 -33.35 7.16 5.56
CA ALA A 86 -33.20 7.15 4.12
C ALA A 86 -34.06 8.28 3.61
N GLN A 87 -35.31 8.29 4.06
CA GLN A 87 -36.23 9.35 3.69
C GLN A 87 -35.64 10.70 4.03
N SER A 88 -35.24 10.84 5.29
CA SER A 88 -34.71 12.11 5.75
C SER A 88 -33.50 12.50 4.91
N LEU A 89 -32.87 11.49 4.29
CA LEU A 89 -31.74 11.72 3.39
C LEU A 89 -32.19 11.90 1.95
N GLY A 90 -33.33 11.30 1.62
CA GLY A 90 -33.91 11.46 0.31
C GLY A 90 -33.26 10.48 -0.61
N ILE A 91 -33.34 9.22 -0.21
CA ILE A 91 -32.60 8.15 -0.86
C ILE A 91 -33.51 7.00 -1.25
N ASP A 92 -34.71 6.94 -0.69
CA ASP A 92 -35.65 5.90 -1.07
C ASP A 92 -36.52 6.29 -2.24
N SER A 93 -36.29 7.50 -2.75
CA SER A 93 -37.07 8.03 -3.87
C SER A 93 -36.60 7.47 -5.20
N ASP A 94 -37.55 7.35 -6.13
CA ASP A 94 -37.23 7.16 -7.54
C ASP A 94 -36.67 8.49 -8.04
N LYS A 95 -36.70 9.49 -7.16
CA LYS A 95 -36.33 10.84 -7.53
C LYS A 95 -34.83 11.02 -7.48
N PRO A 96 -34.23 11.46 -8.60
CA PRO A 96 -32.80 11.77 -8.64
C PRO A 96 -32.38 12.47 -7.35
N VAL A 97 -31.34 11.95 -6.71
CA VAL A 97 -30.97 12.39 -5.38
C VAL A 97 -30.12 13.66 -5.45
N ASP A 98 -30.24 14.48 -4.41
CA ASP A 98 -29.49 15.72 -4.30
C ASP A 98 -28.02 15.43 -3.93
N LYS A 99 -27.17 15.35 -4.95
CA LYS A 99 -25.74 15.07 -4.77
C LYS A 99 -25.17 15.74 -3.52
N THR A 100 -25.18 17.06 -3.52
CA THR A 100 -24.41 17.85 -2.58
C THR A 100 -25.09 18.02 -1.21
N ALA A 101 -26.42 17.98 -1.19
CA ALA A 101 -27.16 17.96 0.08
C ALA A 101 -26.81 16.70 0.84
N LEU A 102 -26.70 15.60 0.11
CA LEU A 102 -26.37 14.29 0.69
C LEU A 102 -24.93 14.23 1.22
N GLU A 103 -24.01 14.90 0.54
CA GLU A 103 -22.65 14.95 1.05
C GLU A 103 -22.70 15.61 2.44
N ILE A 104 -23.26 16.82 2.47
CA ILE A 104 -23.49 17.54 3.71
C ILE A 104 -23.98 16.68 4.88
N PHE A 105 -25.10 16.00 4.70
CA PHE A 105 -25.64 15.21 5.77
C PHE A 105 -24.70 14.08 6.11
N TYR A 106 -24.19 13.41 5.08
CA TYR A 106 -23.21 12.35 5.27
C TYR A 106 -22.06 12.88 6.12
N LEU A 107 -21.52 14.02 5.70
CA LEU A 107 -20.42 14.62 6.42
C LEU A 107 -20.76 14.95 7.89
N GLU A 108 -21.98 15.41 8.12
CA GLU A 108 -22.42 15.70 9.48
C GLU A 108 -22.56 14.42 10.29
N ILE A 109 -23.00 13.34 9.65
CA ILE A 109 -23.15 12.07 10.33
C ILE A 109 -21.78 11.47 10.72
N LEU A 110 -20.80 11.61 9.86
CA LEU A 110 -19.47 11.13 10.13
C LEU A 110 -18.85 11.93 11.23
N ASN A 111 -18.91 13.24 11.10
CA ASN A 111 -18.47 14.12 12.18
C ASN A 111 -19.12 13.78 13.53
N GLY A 112 -20.40 13.47 13.52
CA GLY A 112 -21.07 12.96 14.70
C GLY A 112 -20.54 11.61 15.14
N LEU A 113 -20.36 10.69 14.18
CA LEU A 113 -19.86 9.36 14.50
C LEU A 113 -18.46 9.41 15.11
N PHE A 114 -17.69 10.39 14.70
CA PHE A 114 -16.25 10.36 14.95
C PHE A 114 -15.72 11.34 16.01
N GLU A 115 -16.63 11.89 16.83
CA GLU A 115 -16.24 12.70 17.99
C GLU A 115 -15.11 12.04 18.77
N LYS A 116 -15.08 10.72 18.78
CA LYS A 116 -13.95 9.97 19.30
C LYS A 116 -13.54 8.95 18.24
N LEU A 117 -12.29 8.48 18.32
CA LEU A 117 -11.81 7.47 17.38
C LEU A 117 -11.53 6.16 18.09
N ASN A 118 -12.00 5.08 17.48
CA ASN A 118 -11.54 3.73 17.82
C ASN A 118 -12.04 2.81 16.69
N TRP A 119 -11.56 1.57 16.67
CA TRP A 119 -11.97 0.59 15.67
C TRP A 119 -13.49 0.42 15.54
N GLY A 120 -14.18 0.23 16.66
CA GLY A 120 -15.61 0.01 16.62
C GLY A 120 -16.40 1.07 15.86
N ARG A 121 -15.98 2.32 15.99
CA ARG A 121 -16.62 3.42 15.31
C ARG A 121 -16.30 3.42 13.82
N ILE A 122 -15.12 2.91 13.47
CA ILE A 122 -14.73 2.82 12.06
C ILE A 122 -15.61 1.76 11.37
N VAL A 123 -15.67 0.57 11.96
CA VAL A 123 -16.61 -0.47 11.59
C VAL A 123 -17.99 0.08 11.30
N ALA A 124 -18.48 0.89 12.24
CA ALA A 124 -19.80 1.48 12.09
C ALA A 124 -19.89 2.33 10.81
N MET A 125 -18.80 2.94 10.40
CA MET A 125 -18.78 3.72 9.14
C MET A 125 -18.95 2.83 7.90
N PHE A 126 -18.29 1.66 7.88
CA PHE A 126 -18.48 0.72 6.79
C PHE A 126 -19.88 0.10 6.80
N ALA A 127 -20.41 -0.22 7.97
CA ALA A 127 -21.69 -0.92 8.02
C ALA A 127 -22.79 0.02 7.54
N PHE A 128 -22.64 1.29 7.91
CA PHE A 128 -23.60 2.31 7.53
C PHE A 128 -23.51 2.68 6.06
N LEU A 129 -22.30 2.90 5.58
CA LEU A 129 -22.06 3.17 4.16
C LEU A 129 -22.67 2.05 3.29
N ARG A 130 -22.50 0.81 3.71
CA ARG A 130 -23.14 -0.35 3.06
C ARG A 130 -24.65 -0.20 2.96
N ILE A 131 -25.24 0.21 4.07
CA ILE A 131 -26.68 0.31 4.21
C ILE A 131 -27.21 1.39 3.27
N LEU A 132 -26.52 2.52 3.24
CA LEU A 132 -26.87 3.59 2.32
C LEU A 132 -26.75 3.15 0.87
N VAL A 133 -25.61 2.52 0.55
CA VAL A 133 -25.31 2.09 -0.82
C VAL A 133 -26.35 1.08 -1.32
N LEU A 134 -26.64 0.08 -0.50
CA LEU A 134 -27.68 -0.89 -0.84
C LEU A 134 -29.07 -0.28 -1.00
N ARG A 135 -29.37 0.79 -0.28
CA ARG A 135 -30.69 1.42 -0.45
C ARG A 135 -30.70 2.32 -1.66
N LEU A 136 -29.58 2.99 -1.91
CA LEU A 136 -29.43 3.81 -3.09
C LEU A 136 -29.54 2.99 -4.38
N SER A 137 -29.13 1.73 -4.31
CA SER A 137 -29.01 0.92 -5.50
C SER A 137 -30.34 0.24 -5.90
N LYS A 138 -31.28 0.17 -4.96
CA LYS A 138 -32.66 -0.21 -5.31
C LYS A 138 -33.19 0.56 -6.52
N HIS A 139 -32.85 1.84 -6.62
CA HIS A 139 -33.28 2.65 -7.76
C HIS A 139 -32.13 3.09 -8.63
N GLY A 140 -31.01 2.38 -8.57
CA GLY A 140 -29.90 2.70 -9.43
C GLY A 140 -29.35 4.11 -9.31
N HIS A 141 -29.12 4.55 -8.09
CA HIS A 141 -28.57 5.89 -7.89
C HIS A 141 -27.05 5.83 -7.95
N SER A 142 -26.56 5.53 -9.13
CA SER A 142 -25.15 5.25 -9.31
C SER A 142 -24.24 6.40 -8.88
N ASP A 143 -24.54 7.62 -9.30
CA ASP A 143 -23.66 8.73 -8.96
C ASP A 143 -23.67 9.06 -7.46
N ALA A 144 -24.83 8.98 -6.80
CA ALA A 144 -24.83 9.18 -5.34
C ALA A 144 -23.95 8.13 -4.66
N ILE A 145 -24.05 6.89 -5.13
CA ILE A 145 -23.28 5.79 -4.59
C ILE A 145 -21.78 6.11 -4.70
N GLN A 146 -21.32 6.40 -5.91
CA GLN A 146 -19.91 6.72 -6.12
C GLN A 146 -19.53 7.93 -5.31
N MET A 147 -20.50 8.79 -5.04
CA MET A 147 -20.22 9.99 -4.26
C MET A 147 -19.93 9.60 -2.80
N LEU A 148 -20.82 8.81 -2.21
CA LEU A 148 -20.63 8.35 -0.84
C LEU A 148 -19.27 7.69 -0.67
N ILE A 149 -18.94 6.78 -1.59
CA ILE A 149 -17.66 6.08 -1.51
C ILE A 149 -16.47 7.02 -1.60
N LYS A 150 -16.57 8.05 -2.44
CA LYS A 150 -15.46 9.00 -2.57
C LYS A 150 -15.31 9.87 -1.33
N THR A 151 -16.46 10.28 -0.76
CA THR A 151 -16.48 11.12 0.43
C THR A 151 -15.94 10.35 1.63
N THR A 152 -16.42 9.13 1.84
CA THR A 152 -15.79 8.26 2.84
C THR A 152 -14.25 8.22 2.70
N SER A 153 -13.75 8.15 1.46
CA SER A 153 -12.30 8.10 1.21
C SER A 153 -11.56 9.36 1.61
N GLN A 154 -12.05 10.53 1.17
CA GLN A 154 -11.44 11.81 1.57
C GLN A 154 -11.46 11.99 3.10
N TYR A 155 -12.63 11.78 3.70
CA TYR A 155 -12.83 12.01 5.11
C TYR A 155 -11.87 11.16 5.90
N SER A 156 -11.73 9.91 5.46
CA SER A 156 -10.76 9.00 6.07
C SER A 156 -9.34 9.54 6.05
N ASP A 157 -8.99 10.20 4.95
CA ASP A 157 -7.62 10.63 4.71
C ASP A 157 -7.37 11.90 5.51
N GLU A 158 -8.46 12.59 5.80
CA GLU A 158 -8.39 13.85 6.52
C GLU A 158 -8.44 13.71 8.04
N LYS A 159 -9.02 12.62 8.54
CA LYS A 159 -9.37 12.57 9.94
C LYS A 159 -9.10 11.27 10.67
N LEU A 160 -8.72 10.22 9.94
CA LEU A 160 -8.60 8.91 10.55
C LEU A 160 -7.21 8.37 10.39
N LYS A 161 -6.52 8.88 9.37
CA LYS A 161 -5.34 8.18 8.88
C LYS A 161 -4.26 8.15 9.93
N ASN A 162 -4.11 9.24 10.65
CA ASN A 162 -3.13 9.32 11.72
C ASN A 162 -3.47 8.37 12.85
N TRP A 163 -4.73 8.40 13.27
CA TRP A 163 -5.18 7.42 14.25
C TRP A 163 -4.91 6.00 13.73
N ILE A 164 -5.29 5.74 12.47
CA ILE A 164 -5.18 4.40 11.89
C ILE A 164 -3.74 3.92 11.81
N ASN A 165 -2.87 4.81 11.34
CA ASN A 165 -1.45 4.45 11.17
C ASN A 165 -0.72 4.23 12.47
N LEU A 166 -1.29 4.78 13.55
CA LEU A 166 -0.79 4.51 14.90
C LEU A 166 -1.15 3.11 15.36
N HIS A 167 -2.12 2.50 14.66
CA HIS A 167 -2.59 1.16 15.01
C HIS A 167 -2.35 0.10 13.93
N ASP A 168 -1.23 0.23 13.24
CA ASP A 168 -0.79 -0.76 12.26
C ASP A 168 -1.52 -0.59 10.95
N GLY A 169 -2.12 0.58 10.76
CA GLY A 169 -2.87 0.84 9.54
C GLY A 169 -4.17 0.04 9.49
N TRP A 170 -4.71 -0.09 8.29
CA TRP A 170 -5.99 -0.77 8.09
C TRP A 170 -5.96 -2.18 8.61
N SER A 171 -4.77 -2.77 8.71
CA SER A 171 -4.65 -4.14 9.21
C SER A 171 -4.94 -4.24 10.69
N GLY A 172 -5.02 -3.11 11.37
CA GLY A 172 -5.45 -3.07 12.77
C GLY A 172 -6.70 -3.92 12.95
N LEU A 173 -7.60 -3.80 11.98
CA LEU A 173 -8.87 -4.51 12.01
C LEU A 173 -8.70 -6.03 12.24
N ILE A 174 -7.67 -6.61 11.63
CA ILE A 174 -7.46 -8.03 11.71
C ILE A 174 -7.35 -8.44 13.18
N GLU A 175 -6.38 -7.87 13.87
CA GLU A 175 -6.20 -8.13 15.29
C GLU A 175 -7.39 -7.63 16.13
N PHE A 176 -7.86 -6.41 15.86
CA PHE A 176 -9.01 -5.90 16.61
C PHE A 176 -10.09 -6.96 16.76
N SER A 177 -10.21 -7.79 15.73
CA SER A 177 -11.30 -8.74 15.60
C SER A 177 -10.99 -10.15 16.12
N GLY A 178 -9.74 -10.42 16.48
CA GLY A 178 -9.32 -11.75 16.92
C GLY A 178 -8.99 -12.74 15.82
N SER B 7 -26.46 18.79 15.66
CA SER B 7 -27.46 19.02 14.62
C SER B 7 -28.26 17.75 14.36
N THR B 8 -29.16 17.83 13.37
CA THR B 8 -30.03 16.71 13.03
C THR B 8 -29.26 15.44 12.60
N MET B 9 -28.38 15.59 11.61
CA MET B 9 -27.60 14.47 11.13
C MET B 9 -26.47 14.06 12.08
N GLY B 10 -25.89 15.05 12.76
CA GLY B 10 -24.94 14.81 13.83
C GLY B 10 -25.49 13.80 14.81
N GLN B 11 -26.77 13.94 15.14
CA GLN B 11 -27.41 13.03 16.10
C GLN B 11 -27.24 11.60 15.65
N VAL B 12 -27.69 11.34 14.43
CA VAL B 12 -27.50 10.05 13.76
C VAL B 12 -26.11 9.43 14.01
N GLY B 13 -25.05 10.23 13.78
CA GLY B 13 -23.70 9.77 13.98
C GLY B 13 -23.39 9.21 15.36
N ARG B 14 -24.07 9.72 16.38
CA ARG B 14 -23.80 9.26 17.74
C ARG B 14 -24.62 8.03 18.09
N GLN B 15 -25.80 7.88 17.47
CA GLN B 15 -26.55 6.61 17.57
C GLN B 15 -25.71 5.49 17.00
N LEU B 16 -25.11 5.76 15.84
CA LEU B 16 -24.16 4.86 15.20
C LEU B 16 -22.97 4.68 16.13
N ALA B 17 -22.54 5.76 16.76
CA ALA B 17 -21.39 5.71 17.67
C ALA B 17 -21.61 4.79 18.85
N ILE B 18 -22.82 4.68 19.37
CA ILE B 18 -22.95 3.81 20.55
C ILE B 18 -22.72 2.35 20.19
N ILE B 19 -23.33 1.92 19.09
CA ILE B 19 -23.10 0.56 18.58
C ILE B 19 -21.61 0.32 18.37
N GLY B 20 -20.94 1.34 17.84
CA GLY B 20 -19.50 1.29 17.62
C GLY B 20 -18.72 1.04 18.91
N ASP B 21 -19.10 1.77 19.95
CA ASP B 21 -18.44 1.65 21.23
C ASP B 21 -18.74 0.31 21.92
N ASP B 22 -19.94 -0.24 21.69
CA ASP B 22 -20.25 -1.59 22.18
C ASP B 22 -19.34 -2.63 21.52
N ILE B 23 -19.16 -2.49 20.21
CA ILE B 23 -18.29 -3.39 19.46
C ILE B 23 -16.87 -3.21 20.00
N ASN B 24 -16.47 -1.96 20.13
CA ASN B 24 -15.13 -1.65 20.59
C ASN B 24 -14.80 -2.26 21.96
N ARG B 25 -15.73 -2.11 22.90
CA ARG B 25 -15.58 -2.69 24.23
C ARG B 25 -15.42 -4.22 24.18
N ARG B 26 -16.28 -4.89 23.42
CA ARG B 26 -16.27 -6.33 23.39
C ARG B 26 -14.95 -6.87 22.89
N TYR B 27 -14.35 -6.15 21.95
CA TYR B 27 -13.17 -6.66 21.27
C TYR B 27 -11.87 -6.27 21.94
N ASP B 28 -11.98 -5.51 23.03
CA ASP B 28 -10.81 -5.20 23.84
C ASP B 28 -10.25 -6.47 24.49
N SER B 29 -8.93 -6.68 24.35
CA SER B 29 -8.24 -7.87 24.85
C SER B 29 -8.53 -8.17 26.33
N GLU B 30 -9.07 -7.16 27.02
CA GLU B 30 -9.43 -7.24 28.43
C GLU B 30 -8.87 -8.48 29.12
N ASN C 13 -7.46 -4.90 -8.65
CA ASN C 13 -6.65 -4.54 -7.48
C ASN C 13 -5.16 -4.77 -7.72
N THR C 14 -4.69 -4.31 -8.86
CA THR C 14 -3.29 -4.45 -9.24
C THR C 14 -2.50 -3.24 -8.76
N ALA C 15 -1.27 -3.48 -8.30
CA ALA C 15 -0.39 -2.41 -7.88
C ALA C 15 0.42 -1.86 -9.07
N ASP C 16 0.69 -0.55 -9.07
CA ASP C 16 1.48 0.10 -10.11
C ASP C 16 2.98 -0.28 -10.05
N PHE C 17 3.72 0.01 -11.12
CA PHE C 17 5.13 -0.36 -11.20
C PHE C 17 5.97 0.11 -9.99
N ARG C 18 5.76 1.35 -9.58
CA ARG C 18 6.60 1.94 -8.56
C ARG C 18 6.40 1.26 -7.21
N LEU C 19 5.14 0.92 -6.93
CA LEU C 19 4.77 0.27 -5.69
C LEU C 19 5.34 -1.15 -5.63
N GLN C 20 5.24 -1.86 -6.74
CA GLN C 20 5.86 -3.16 -6.89
C GLN C 20 7.34 -3.03 -6.63
N THR C 21 7.98 -2.07 -7.31
CA THR C 21 9.41 -1.87 -7.11
C THR C 21 9.66 -1.63 -5.65
N SER C 22 8.86 -0.78 -5.06
CA SER C 22 8.97 -0.48 -3.63
C SER C 22 8.89 -1.71 -2.70
N THR C 23 7.86 -2.55 -2.90
CA THR C 23 7.67 -3.77 -2.13
C THR C 23 8.86 -4.70 -2.33
N LEU C 24 9.29 -4.85 -3.58
CA LEU C 24 10.41 -5.75 -3.87
C LEU C 24 11.65 -5.28 -3.11
N CYS C 25 11.89 -3.98 -3.09
CA CYS C 25 13.05 -3.48 -2.37
C CYS C 25 13.00 -3.88 -0.92
N HIS C 26 11.89 -3.56 -0.26
CA HIS C 26 11.72 -3.90 1.15
C HIS C 26 11.95 -5.38 1.42
N SER C 27 11.16 -6.22 0.77
CA SER C 27 11.26 -7.66 0.95
C SER C 27 12.69 -8.16 0.81
N PHE C 28 13.33 -7.75 -0.29
CA PHE C 28 14.68 -8.18 -0.63
C PHE C 28 15.68 -7.76 0.43
N LEU C 29 15.65 -6.48 0.81
CA LEU C 29 16.58 -5.99 1.81
C LEU C 29 16.43 -6.75 3.12
N LEU C 30 15.20 -7.00 3.53
CA LEU C 30 14.98 -7.68 4.79
C LEU C 30 15.48 -9.10 4.66
N ALA C 31 15.23 -9.70 3.51
CA ALA C 31 15.55 -11.10 3.34
C ALA C 31 17.05 -11.34 3.18
N SER C 32 17.79 -10.29 2.87
CA SER C 32 19.23 -10.45 2.67
C SER C 32 20.07 -10.15 3.91
N ALA C 33 19.42 -10.14 5.08
CA ALA C 33 20.14 -9.87 6.31
C ALA C 33 20.76 -11.13 6.94
N ASN C 34 21.98 -10.98 7.45
CA ASN C 34 22.70 -12.07 8.11
C ASN C 34 21.88 -12.81 9.16
N THR C 38 19.19 -7.91 10.98
CA THR C 38 17.79 -7.84 10.59
C THR C 38 16.93 -7.18 11.65
N ASP C 39 17.33 -7.33 12.91
CA ASP C 39 16.58 -6.78 14.03
C ASP C 39 16.27 -5.33 13.77
N TYR C 40 17.34 -4.56 13.65
CA TYR C 40 17.21 -3.15 13.37
C TYR C 40 16.30 -2.93 12.17
N LEU C 41 16.74 -3.45 11.03
CA LEU C 41 16.05 -3.21 9.77
C LEU C 41 14.60 -3.63 9.85
N THR C 42 14.35 -4.81 10.42
CA THR C 42 12.99 -5.31 10.60
C THR C 42 12.13 -4.30 11.38
N ASP C 43 12.73 -3.70 12.41
CA ASP C 43 12.06 -2.69 13.23
C ASP C 43 11.91 -1.37 12.47
N LEU C 44 12.40 -1.36 11.23
CA LEU C 44 12.41 -0.18 10.38
C LEU C 44 11.48 -0.28 9.17
N LEU C 45 11.23 -1.49 8.68
CA LEU C 45 10.40 -1.67 7.49
C LEU C 45 9.06 -2.37 7.78
N THR C 48 4.11 -3.54 7.83
CA THR C 48 2.72 -4.03 7.80
C THR C 48 2.06 -3.71 6.47
N ASN C 49 2.42 -2.55 5.92
CA ASN C 49 2.00 -2.14 4.59
C ASN C 49 2.84 -2.81 3.51
N ILE C 50 3.69 -3.74 3.93
CA ILE C 50 4.47 -4.53 3.01
C ILE C 50 3.76 -5.86 2.77
N ASP C 51 3.25 -6.04 1.57
CA ASP C 51 2.69 -7.33 1.18
C ASP C 51 3.24 -7.81 -0.17
N LEU C 52 4.19 -8.72 -0.12
CA LEU C 52 4.85 -9.23 -1.30
C LEU C 52 3.89 -9.94 -2.24
N THR C 53 2.70 -10.27 -1.77
CA THR C 53 1.72 -10.88 -2.67
C THR C 53 1.09 -9.81 -3.54
N CYS C 54 1.44 -8.56 -3.28
CA CYS C 54 1.02 -7.45 -4.15
C CYS C 54 1.80 -7.44 -5.47
N VAL C 55 3.03 -7.96 -5.45
CA VAL C 55 3.82 -8.11 -6.66
C VAL C 55 3.55 -9.48 -7.27
N PRO C 56 3.08 -9.53 -8.51
CA PRO C 56 2.64 -10.75 -9.17
C PRO C 56 3.39 -12.02 -8.78
N ASN C 57 4.63 -12.20 -9.21
CA ASN C 57 5.39 -13.38 -8.80
C ASN C 57 6.39 -13.00 -7.71
N GLY C 58 5.88 -12.26 -6.73
CA GLY C 58 6.68 -11.69 -5.68
C GLY C 58 7.78 -12.57 -5.12
N GLN C 59 7.42 -13.71 -4.53
CA GLN C 59 8.40 -14.49 -3.77
C GLN C 59 9.46 -15.08 -4.70
N GLU C 60 9.00 -15.55 -5.86
CA GLU C 60 9.88 -16.13 -6.88
C GLU C 60 10.88 -15.10 -7.46
N ILE C 61 10.39 -13.91 -7.78
CA ILE C 61 11.26 -12.80 -8.13
C ILE C 61 12.25 -12.62 -7.00
N ILE C 62 11.79 -12.66 -5.76
CA ILE C 62 12.70 -12.43 -4.63
C ILE C 62 13.72 -13.58 -4.45
N HIS C 63 13.33 -14.82 -4.77
CA HIS C 63 14.30 -15.92 -4.76
C HIS C 63 15.39 -15.66 -5.81
N SER C 64 14.95 -15.43 -7.05
CA SER C 64 15.85 -15.09 -8.15
C SER C 64 16.81 -13.97 -7.74
N LEU C 65 16.27 -12.85 -7.30
CA LEU C 65 17.13 -11.73 -6.90
C LEU C 65 18.16 -12.20 -5.89
N LEU C 66 17.76 -13.08 -4.99
CA LEU C 66 18.63 -13.51 -3.90
C LEU C 66 19.88 -14.22 -4.42
N GLN C 67 19.70 -15.15 -5.36
CA GLN C 67 20.84 -15.80 -6.02
C GLN C 67 21.73 -14.77 -6.72
N LEU C 68 21.16 -14.10 -7.72
CA LEU C 68 21.88 -13.16 -8.55
C LEU C 68 22.68 -12.14 -7.76
N VAL C 69 22.14 -11.61 -6.67
CA VAL C 69 22.86 -10.67 -5.83
C VAL C 69 24.02 -11.34 -5.09
N GLY C 70 23.84 -12.61 -4.73
CA GLY C 70 24.94 -13.39 -4.18
C GLY C 70 26.08 -13.54 -5.18
N ASP C 71 25.72 -13.97 -6.38
CA ASP C 71 26.64 -14.05 -7.50
C ASP C 71 27.35 -12.72 -7.73
N PHE C 72 26.58 -11.63 -7.84
CA PHE C 72 27.18 -10.31 -7.96
C PHE C 72 28.20 -10.06 -6.84
N ASN C 73 27.75 -10.33 -5.61
CA ASN C 73 28.53 -10.09 -4.40
C ASN C 73 29.90 -10.76 -4.39
N GLN C 74 29.95 -12.04 -4.75
CA GLN C 74 31.24 -12.71 -4.91
C GLN C 74 32.11 -11.97 -5.96
N ARG C 75 31.58 -11.78 -7.18
CA ARG C 75 32.33 -11.20 -8.29
C ARG C 75 32.80 -9.83 -7.90
N PHE C 76 32.03 -9.22 -7.02
CA PHE C 76 32.36 -7.91 -6.50
C PHE C 76 33.50 -7.99 -5.47
N SER C 77 33.36 -8.90 -4.50
CA SER C 77 34.39 -9.17 -3.48
C SER C 77 35.75 -9.45 -4.10
N GLN C 78 35.74 -10.36 -5.06
CA GLN C 78 36.96 -10.80 -5.74
C GLN C 78 37.88 -9.67 -6.16
N THR C 79 37.37 -8.44 -6.26
CA THR C 79 38.20 -7.32 -6.69
C THR C 79 37.95 -6.02 -5.93
N HIS C 80 36.90 -5.97 -5.12
CA HIS C 80 36.56 -4.73 -4.41
C HIS C 80 36.13 -4.96 -2.96
N GLU C 81 36.15 -3.88 -2.17
CA GLU C 81 35.76 -3.92 -0.77
C GLU C 81 34.71 -2.87 -0.42
N ILE C 82 33.87 -3.20 0.56
CA ILE C 82 32.78 -2.34 1.01
C ILE C 82 33.25 -0.99 1.55
N GLU C 83 34.38 -0.99 2.26
CA GLU C 83 34.81 0.19 3.03
C GLU C 83 35.27 1.37 2.17
N PRO C 84 36.21 1.12 1.25
CA PRO C 84 36.64 2.19 0.36
C PRO C 84 35.42 2.82 -0.31
N VAL C 85 34.55 1.97 -0.86
CA VAL C 85 33.30 2.40 -1.49
C VAL C 85 32.39 3.20 -0.54
N ALA C 86 32.38 2.85 0.73
CA ALA C 86 31.55 3.54 1.72
C ALA C 86 32.10 4.92 2.08
N GLN C 87 33.37 4.99 2.43
CA GLN C 87 33.99 6.24 2.85
C GLN C 87 34.19 7.21 1.69
N SER C 88 34.38 6.69 0.49
CA SER C 88 34.46 7.54 -0.70
C SER C 88 33.23 8.44 -0.67
N LEU C 89 32.34 8.12 0.26
CA LEU C 89 31.08 8.82 0.43
C LEU C 89 30.88 9.22 1.90
N GLY C 90 31.84 8.88 2.75
CA GLY C 90 31.71 9.15 4.17
C GLY C 90 30.32 8.76 4.64
N ILE C 91 30.08 7.45 4.69
CA ILE C 91 28.76 6.90 5.03
C ILE C 91 28.82 6.01 6.25
N ASP C 92 29.88 5.23 6.35
CA ASP C 92 30.07 4.37 7.49
C ASP C 92 30.29 5.24 8.72
N SER C 93 30.72 6.47 8.47
CA SER C 93 30.89 7.45 9.54
C SER C 93 29.67 7.47 10.47
N ASP C 94 29.91 7.28 11.77
CA ASP C 94 28.85 7.46 12.74
C ASP C 94 28.27 8.85 12.55
N LYS C 95 29.15 9.78 12.20
CA LYS C 95 28.77 11.15 11.94
C LYS C 95 27.56 11.19 11.03
N PRO C 96 26.47 11.83 11.49
CA PRO C 96 25.21 11.96 10.77
C PRO C 96 25.37 12.04 9.25
N VAL C 97 24.33 11.65 8.52
CA VAL C 97 24.42 11.55 7.06
C VAL C 97 23.54 12.56 6.30
N ASP C 98 24.12 13.18 5.28
CA ASP C 98 23.38 14.11 4.44
C ASP C 98 22.63 13.35 3.35
N LYS C 99 21.31 13.29 3.50
CA LYS C 99 20.42 12.58 2.59
C LYS C 99 20.44 13.21 1.20
N THR C 100 20.14 14.50 1.17
CA THR C 100 20.06 15.25 -0.07
C THR C 100 21.33 15.12 -0.93
N ALA C 101 22.50 15.08 -0.31
CA ALA C 101 23.75 14.82 -1.04
C ALA C 101 23.96 13.33 -1.32
N LEU C 102 23.28 12.49 -0.58
CA LEU C 102 23.35 11.05 -0.81
C LEU C 102 22.53 10.67 -2.04
N GLU C 103 21.33 11.22 -2.12
CA GLU C 103 20.51 11.04 -3.30
C GLU C 103 21.27 11.41 -4.57
N ILE C 104 21.92 12.58 -4.56
CA ILE C 104 22.77 13.02 -5.68
C ILE C 104 23.77 11.94 -6.10
N PHE C 105 24.63 11.54 -5.17
CA PHE C 105 25.62 10.51 -5.45
C PHE C 105 24.97 9.29 -6.06
N TYR C 106 23.95 8.82 -5.39
CA TYR C 106 23.36 7.54 -5.74
C TYR C 106 22.74 7.60 -7.13
N LEU C 107 21.96 8.64 -7.38
CA LEU C 107 21.34 8.82 -8.68
C LEU C 107 22.36 8.98 -9.81
N GLU C 108 23.49 9.63 -9.55
CA GLU C 108 24.52 9.75 -10.58
C GLU C 108 25.10 8.38 -10.88
N ILE C 109 25.44 7.65 -9.83
CA ILE C 109 25.96 6.32 -10.02
C ILE C 109 24.99 5.49 -10.88
N LEU C 110 23.70 5.58 -10.60
CA LEU C 110 22.73 4.85 -11.39
C LEU C 110 22.70 5.31 -12.85
N ASN C 111 22.80 6.62 -13.07
CA ASN C 111 22.83 7.14 -14.43
C ASN C 111 24.00 6.56 -15.17
N GLY C 112 25.10 6.34 -14.47
CA GLY C 112 26.25 5.69 -15.04
C GLY C 112 25.96 4.23 -15.33
N LEU C 113 25.68 3.45 -14.29
CA LEU C 113 25.39 2.03 -14.46
C LEU C 113 24.48 1.76 -15.66
N PHE C 114 23.56 2.68 -15.93
CA PHE C 114 22.51 2.43 -16.91
C PHE C 114 22.71 3.13 -18.25
N GLU C 115 23.96 3.33 -18.63
CA GLU C 115 24.24 3.70 -20.02
C GLU C 115 23.61 2.65 -20.94
N LYS C 116 23.64 1.38 -20.52
CA LYS C 116 22.83 0.36 -21.18
C LYS C 116 21.93 -0.35 -20.19
N LEU C 117 20.98 -1.10 -20.71
CA LEU C 117 20.03 -1.82 -19.88
C LEU C 117 20.15 -3.31 -20.12
N ASN C 118 20.22 -4.06 -19.03
CA ASN C 118 20.11 -5.51 -19.08
C ASN C 118 19.89 -6.03 -17.65
N TRP C 119 19.46 -7.27 -17.52
CA TRP C 119 19.06 -7.76 -16.21
C TRP C 119 20.22 -7.76 -15.22
N GLY C 120 21.44 -7.91 -15.74
CA GLY C 120 22.62 -8.00 -14.88
C GLY C 120 22.88 -6.66 -14.25
N ARG C 121 22.58 -5.61 -15.00
CA ARG C 121 22.76 -4.25 -14.50
C ARG C 121 21.69 -3.85 -13.48
N ILE C 122 20.46 -4.28 -13.74
CA ILE C 122 19.36 -4.09 -12.83
C ILE C 122 19.67 -4.77 -11.50
N VAL C 123 20.24 -5.98 -11.59
CA VAL C 123 20.71 -6.70 -10.42
C VAL C 123 21.76 -5.89 -9.68
N ALA C 124 22.69 -5.32 -10.44
CA ALA C 124 23.74 -4.51 -9.86
C ALA C 124 23.12 -3.47 -8.96
N MET C 125 22.01 -2.89 -9.43
CA MET C 125 21.30 -1.84 -8.70
C MET C 125 20.87 -2.31 -7.31
N PHE C 126 20.25 -3.49 -7.26
CA PHE C 126 19.79 -4.03 -5.99
C PHE C 126 20.98 -4.34 -5.13
N ALA C 127 21.91 -5.10 -5.68
CA ALA C 127 23.14 -5.46 -4.97
C ALA C 127 23.74 -4.24 -4.26
N PHE C 128 23.73 -3.12 -4.96
CA PHE C 128 24.40 -1.92 -4.48
C PHE C 128 23.55 -1.19 -3.45
N LEU C 129 22.28 -1.03 -3.76
CA LEU C 129 21.32 -0.47 -2.82
C LEU C 129 21.41 -1.21 -1.47
N ARG C 130 21.49 -2.54 -1.54
CA ARG C 130 21.66 -3.32 -0.33
C ARG C 130 22.92 -2.90 0.43
N ILE C 131 24.08 -3.12 -0.19
CA ILE C 131 25.35 -2.79 0.44
C ILE C 131 25.30 -1.44 1.18
N LEU C 132 24.72 -0.42 0.54
CA LEU C 132 24.55 0.88 1.19
C LEU C 132 23.70 0.81 2.45
N VAL C 133 22.52 0.21 2.31
CA VAL C 133 21.50 0.19 3.36
C VAL C 133 22.02 -0.54 4.59
N LEU C 134 22.89 -1.53 4.38
CA LEU C 134 23.56 -2.22 5.47
C LEU C 134 24.67 -1.35 6.12
N ARG C 135 25.69 -1.00 5.37
CA ARG C 135 26.71 -0.16 5.93
C ARG C 135 26.06 1.01 6.62
N LEU C 136 24.86 1.31 6.20
CA LEU C 136 24.13 2.47 6.69
C LEU C 136 23.21 2.16 7.87
N SER C 137 22.97 0.89 8.10
CA SER C 137 22.07 0.49 9.18
C SER C 137 22.88 0.10 10.41
N LYS C 138 24.16 -0.20 10.18
CA LYS C 138 25.10 -0.41 11.27
C LYS C 138 25.24 0.86 12.09
N HIS C 139 24.40 1.85 11.84
CA HIS C 139 24.52 3.17 12.49
C HIS C 139 23.16 3.82 12.70
N GLY C 140 22.10 3.09 12.40
CA GLY C 140 20.75 3.61 12.56
C GLY C 140 20.45 4.95 11.90
N HIS C 141 20.77 5.09 10.62
CA HIS C 141 20.38 6.26 9.84
C HIS C 141 19.09 5.90 9.14
N SER C 142 18.04 5.76 9.93
CA SER C 142 16.81 5.13 9.44
C SER C 142 16.22 5.75 8.18
N ASP C 143 16.30 7.07 8.05
CA ASP C 143 15.59 7.73 6.96
C ASP C 143 16.44 7.93 5.71
N ALA C 144 17.76 7.90 5.89
CA ALA C 144 18.64 7.81 4.74
C ALA C 144 18.21 6.56 3.96
N ILE C 145 18.03 5.46 4.69
CA ILE C 145 17.54 4.21 4.13
C ILE C 145 16.18 4.35 3.43
N GLN C 146 15.27 5.12 4.01
CA GLN C 146 13.98 5.37 3.37
C GLN C 146 14.11 5.95 1.96
N MET C 147 14.91 7.02 1.86
CA MET C 147 15.10 7.74 0.60
C MET C 147 15.73 6.84 -0.46
N LEU C 148 16.77 6.10 -0.08
CA LEU C 148 17.33 5.12 -1.01
C LEU C 148 16.21 4.30 -1.66
N ILE C 149 15.36 3.72 -0.83
CA ILE C 149 14.29 2.88 -1.34
C ILE C 149 13.29 3.66 -2.17
N LYS C 150 12.93 4.85 -1.72
CA LYS C 150 12.00 5.65 -2.47
C LYS C 150 12.58 6.06 -3.83
N THR C 151 13.79 6.62 -3.81
CA THR C 151 14.38 7.08 -5.05
C THR C 151 14.74 5.89 -5.97
N THR C 152 14.97 4.71 -5.40
CA THR C 152 15.18 3.55 -6.25
C THR C 152 13.92 3.14 -7.04
N SER C 153 12.74 3.37 -6.49
CA SER C 153 11.54 2.97 -7.22
C SER C 153 11.02 4.06 -8.15
N GLN C 154 11.21 5.32 -7.75
CA GLN C 154 10.96 6.44 -8.66
C GLN C 154 11.84 6.30 -9.89
N TYR C 155 13.14 6.07 -9.67
CA TYR C 155 14.07 5.88 -10.77
C TYR C 155 13.63 4.77 -11.69
N SER C 156 13.34 3.61 -11.09
CA SER C 156 12.95 2.46 -11.89
C SER C 156 11.75 2.81 -12.75
N ASP C 157 10.81 3.54 -12.13
CA ASP C 157 9.53 3.93 -12.72
C ASP C 157 9.73 4.80 -13.96
N GLU C 158 10.67 5.73 -13.83
CA GLU C 158 11.03 6.67 -14.88
C GLU C 158 11.90 6.03 -15.97
N LYS C 159 13.00 5.41 -15.57
CA LYS C 159 14.02 4.97 -16.50
C LYS C 159 14.00 3.48 -16.87
N LEU C 160 13.41 2.62 -16.04
CA LEU C 160 13.54 1.18 -16.27
C LEU C 160 12.25 0.49 -16.71
N LYS C 161 11.13 1.10 -16.35
CA LYS C 161 9.84 0.46 -16.51
C LYS C 161 9.56 0.00 -17.94
N ASN C 162 9.89 0.83 -18.92
CA ASN C 162 9.61 0.49 -20.31
C ASN C 162 10.35 -0.74 -20.75
N TRP C 163 11.63 -0.77 -20.36
CA TRP C 163 12.46 -1.92 -20.66
C TRP C 163 12.02 -3.15 -19.87
N ILE C 164 11.78 -2.97 -18.56
CA ILE C 164 11.32 -4.09 -17.74
C ILE C 164 10.01 -4.68 -18.25
N ASN C 165 8.99 -3.84 -18.47
CA ASN C 165 7.70 -4.35 -19.02
C ASN C 165 7.76 -5.06 -20.35
N LEU C 166 8.70 -4.68 -21.20
CA LEU C 166 8.87 -5.38 -22.48
C LEU C 166 9.28 -6.82 -22.26
N HIS C 167 10.03 -7.02 -21.19
CA HIS C 167 10.52 -8.33 -20.80
C HIS C 167 9.62 -9.02 -19.77
N ASP C 168 8.32 -8.67 -19.82
CA ASP C 168 7.27 -9.35 -19.08
C ASP C 168 7.16 -8.87 -17.65
N GLY C 169 7.74 -7.71 -17.37
CA GLY C 169 7.66 -7.08 -16.07
C GLY C 169 8.77 -7.56 -15.17
N TRP C 170 8.66 -7.22 -13.89
CA TRP C 170 9.64 -7.63 -12.89
C TRP C 170 9.90 -9.14 -12.86
N SER C 171 8.92 -9.94 -13.25
CA SER C 171 9.11 -11.38 -13.24
C SER C 171 10.01 -11.91 -14.36
N GLY C 172 10.46 -11.01 -15.25
CA GLY C 172 11.39 -11.40 -16.30
C GLY C 172 12.66 -11.85 -15.65
N LEU C 173 12.87 -11.43 -14.40
CA LEU C 173 14.09 -11.75 -13.68
C LEU C 173 14.20 -13.24 -13.38
N ILE C 174 13.05 -13.89 -13.24
CA ILE C 174 13.01 -15.32 -12.98
C ILE C 174 13.55 -16.15 -14.15
N GLU C 175 13.01 -15.95 -15.36
CA GLU C 175 13.51 -16.69 -16.52
C GLU C 175 15.01 -16.44 -16.68
N PHE C 176 15.44 -15.23 -16.34
CA PHE C 176 16.84 -14.84 -16.52
C PHE C 176 17.75 -15.49 -15.48
N SER C 177 17.28 -15.59 -14.25
CA SER C 177 18.07 -16.18 -13.17
C SER C 177 18.23 -17.67 -13.45
N GLY C 178 17.31 -18.23 -14.22
CA GLY C 178 17.30 -19.66 -14.48
C GLY C 178 16.78 -20.46 -13.28
N THR D 8 34.78 9.70 -10.15
CA THR D 8 34.67 8.63 -9.15
C THR D 8 33.25 8.09 -8.90
N MET D 9 32.23 8.93 -9.00
CA MET D 9 30.88 8.39 -9.09
C MET D 9 30.80 7.70 -10.43
N GLY D 10 31.45 8.31 -11.42
CA GLY D 10 31.54 7.71 -12.73
C GLY D 10 32.32 6.43 -12.60
N GLN D 11 33.30 6.47 -11.69
CA GLN D 11 34.12 5.32 -11.37
C GLN D 11 33.24 4.18 -10.87
N VAL D 12 32.46 4.46 -9.82
CA VAL D 12 31.64 3.42 -9.21
C VAL D 12 30.64 2.82 -10.19
N GLY D 13 30.05 3.68 -11.03
CA GLY D 13 29.08 3.21 -12.02
C GLY D 13 29.66 2.21 -12.99
N ARG D 14 30.92 2.42 -13.39
CA ARG D 14 31.58 1.53 -14.36
C ARG D 14 31.96 0.17 -13.76
N GLN D 15 32.51 0.17 -12.55
CA GLN D 15 32.77 -1.09 -11.87
C GLN D 15 31.46 -1.85 -11.75
N LEU D 16 30.43 -1.18 -11.21
CA LEU D 16 29.08 -1.74 -11.09
C LEU D 16 28.55 -2.32 -12.42
N ALA D 17 28.71 -1.56 -13.50
CA ALA D 17 28.27 -1.99 -14.83
C ALA D 17 29.05 -3.21 -15.36
N ILE D 18 30.35 -3.29 -15.04
CA ILE D 18 31.17 -4.42 -15.48
C ILE D 18 30.62 -5.72 -14.91
N ILE D 19 30.55 -5.79 -13.58
CA ILE D 19 29.99 -6.97 -12.93
C ILE D 19 28.59 -7.27 -13.47
N GLY D 20 27.73 -6.24 -13.53
CA GLY D 20 26.43 -6.37 -14.17
C GLY D 20 26.50 -7.09 -15.52
N ASP D 21 27.39 -6.61 -16.39
CA ASP D 21 27.55 -7.21 -17.72
C ASP D 21 28.08 -8.63 -17.64
N ASP D 22 28.96 -8.88 -16.68
CA ASP D 22 29.44 -10.22 -16.43
C ASP D 22 28.26 -11.15 -16.02
N ILE D 23 27.45 -10.71 -15.05
CA ILE D 23 26.25 -11.44 -14.66
C ILE D 23 25.38 -11.69 -15.89
N ASN D 24 25.22 -10.66 -16.72
CA ASN D 24 24.36 -10.76 -17.89
C ASN D 24 24.88 -11.73 -18.97
N ARG D 25 26.19 -11.72 -19.18
CA ARG D 25 26.84 -12.66 -20.09
C ARG D 25 26.63 -14.06 -19.56
N ARG D 26 27.01 -14.22 -18.31
CA ARG D 26 26.94 -15.47 -17.60
C ARG D 26 25.58 -16.17 -17.70
N TYR D 27 24.50 -15.47 -17.39
CA TYR D 27 23.16 -16.08 -17.43
C TYR D 27 22.46 -15.94 -18.76
N ASP D 28 23.16 -15.39 -19.75
CA ASP D 28 22.55 -15.13 -21.05
C ASP D 28 23.11 -16.07 -22.10
N SER D 29 22.30 -16.34 -23.11
CA SER D 29 22.69 -17.19 -24.23
C SER D 29 21.80 -16.87 -25.44
N GLU D 30 21.89 -15.62 -25.91
CA GLU D 30 20.96 -15.09 -26.90
C GLU D 30 21.63 -14.25 -27.97
C3' NHE E . 37.69 6.45 -0.93
C2' NHE E . 37.73 5.16 -1.45
C1' NHE E . 38.07 4.94 -2.78
C6' NHE E . 38.38 6.04 -3.57
N NHE E . 38.12 3.66 -3.23
C1 NHE E . 38.55 3.31 -4.58
C2 NHE E . 37.56 2.45 -5.37
S NHE E . 37.90 0.83 -5.22
O1 NHE E . 36.63 0.07 -5.15
O2 NHE E . 38.70 0.35 -6.39
O3 NHE E . 38.71 0.61 -4.00
C5' NHE E . 38.35 7.34 -3.06
C4' NHE E . 37.99 7.55 -1.74
H3'2 NHE E . 37.41 6.61 0.11
H2'1 NHE E . 37.49 4.33 -0.82
H6'2 NHE E . 38.66 5.88 -4.61
HN NHE E . 37.88 2.91 -2.61
HC11 NHE E . 38.76 4.22 -5.14
HC12 NHE E . 39.50 2.76 -4.51
HC21 NHE E . 36.55 2.65 -5.02
HC22 NHE E . 37.60 2.73 -6.43
H5'2 NHE E . 38.58 8.17 -3.70
H4'2 NHE E . 37.96 8.55 -1.33
#